data_5WJ7
#
_entry.id   5WJ7
#
_cell.length_a   44.032
_cell.length_b   71.506
_cell.length_c   173.056
_cell.angle_alpha   90.00
_cell.angle_beta   90.00
_cell.angle_gamma   90.00
#
_symmetry.space_group_name_H-M   'P 21 21 21'
#
loop_
_entity.id
_entity.type
_entity.pdbx_description
1 polymer 'DNA repair protein XRCC4,Myosin-7'
2 water water
#
_entity_poly.entity_id   1
_entity_poly.type   'polypeptide(L)'
_entity_poly.pdbx_seq_one_letter_code
;GSGERKISRIHLVSEPSITHFLQVSWEKTLESGFVITLTDGHSAWTGTVSESEISQEADDMAMEKGKYVGELRKALLSGA
GPADVYTFNFSKESCYFFFEKNLKDVSFRLGSFNLEKVENPAEVIRELICYCLDDLSQLQTEVEEAVQECRNAEEKAKKA
ITDAAMMAEELKKEQDTSAHLERMKKNMEQTIKDLQHRL
;
_entity_poly.pdbx_strand_id   A,B
#
# COMPACT_ATOMS: atom_id res chain seq x y z
N SER A 2 18.31 -9.09 5.99
CA SER A 2 17.42 -7.94 6.20
C SER A 2 16.40 -8.24 7.29
N GLY A 3 15.76 -7.18 7.78
CA GLY A 3 14.72 -7.32 8.79
C GLY A 3 13.45 -6.58 8.41
N GLU A 4 12.52 -6.45 9.35
CA GLU A 4 11.27 -5.74 9.11
C GLU A 4 11.02 -4.75 10.22
N ARG A 5 10.36 -3.65 9.87
CA ARG A 5 10.08 -2.56 10.80
C ARG A 5 8.59 -2.29 10.89
N LYS A 6 8.24 -1.43 11.84
CA LYS A 6 6.88 -0.91 11.96
C LYS A 6 6.95 0.39 12.74
N ILE A 7 6.62 1.50 12.09
CA ILE A 7 6.63 2.82 12.71
C ILE A 7 5.20 3.21 13.03
N SER A 8 4.94 3.58 14.28
CA SER A 8 3.59 3.83 14.74
C SER A 8 3.53 5.12 15.55
N ARG A 9 2.35 5.72 15.58
CA ARG A 9 2.07 6.84 16.47
C ARG A 9 1.54 6.31 17.80
N ILE A 10 2.03 6.91 18.88
CA ILE A 10 1.50 6.64 20.21
C ILE A 10 1.38 7.97 20.94
N HIS A 11 0.47 8.00 21.92
CA HIS A 11 0.34 9.13 22.83
C HIS A 11 0.65 8.64 24.24
N LEU A 12 1.68 9.21 24.84
CA LEU A 12 2.02 8.86 26.21
C LEU A 12 0.94 9.35 27.18
N VAL A 13 0.76 8.59 28.26
CA VAL A 13 -0.21 9.00 29.28
C VAL A 13 0.21 10.33 29.91
N SER A 14 1.51 10.54 30.06
CA SER A 14 2.01 11.76 30.69
C SER A 14 2.07 12.94 29.73
N GLU A 15 2.00 12.71 28.43
CA GLU A 15 2.07 13.77 27.42
C GLU A 15 1.03 13.52 26.34
N PRO A 16 -0.24 13.80 26.61
CA PRO A 16 -1.28 13.57 25.61
C PRO A 16 -1.39 14.65 24.55
N SER A 17 -0.66 15.76 24.68
CA SER A 17 -0.79 16.85 23.74
C SER A 17 0.05 16.64 22.49
N ILE A 18 1.25 16.09 22.63
CA ILE A 18 2.13 15.87 21.51
C ILE A 18 2.11 14.40 21.12
N THR A 19 2.48 14.12 19.88
CA THR A 19 2.50 12.77 19.34
C THR A 19 3.93 12.22 19.38
N HIS A 20 4.08 11.02 19.93
CA HIS A 20 5.35 10.32 19.89
C HIS A 20 5.32 9.25 18.81
N PHE A 21 6.51 8.75 18.46
CA PHE A 21 6.65 7.77 17.40
C PHE A 21 7.42 6.57 17.92
N LEU A 22 6.93 5.38 17.62
CA LEU A 22 7.51 4.13 18.07
C LEU A 22 8.01 3.37 16.86
N GLN A 23 9.30 3.02 16.86
CA GLN A 23 9.90 2.24 15.79
C GLN A 23 10.34 0.90 16.35
N VAL A 24 9.74 -0.18 15.86
CA VAL A 24 10.05 -1.54 16.30
C VAL A 24 10.60 -2.31 15.11
N SER A 25 11.76 -2.95 15.30
CA SER A 25 12.41 -3.71 14.25
C SER A 25 12.83 -5.07 14.78
N TRP A 26 12.69 -6.09 13.92
CA TRP A 26 13.03 -7.46 14.28
C TRP A 26 13.64 -8.15 13.07
N GLU A 27 13.96 -9.43 13.22
CA GLU A 27 14.64 -10.18 12.17
C GLU A 27 13.65 -10.99 11.33
N LYS A 28 13.20 -12.12 11.85
CA LYS A 28 12.19 -12.95 11.19
C LYS A 28 10.83 -12.84 11.88
N THR A 29 10.79 -13.06 13.19
CA THR A 29 9.57 -12.91 13.96
C THR A 29 9.83 -11.95 15.12
N LEU A 30 8.77 -11.26 15.54
CA LEU A 30 8.85 -10.47 16.76
C LEU A 30 9.12 -11.34 17.98
N GLU A 31 8.90 -12.64 17.86
CA GLU A 31 9.07 -13.55 18.99
C GLU A 31 10.54 -13.78 19.33
N SER A 32 11.44 -13.57 18.36
CA SER A 32 12.87 -13.80 18.56
C SER A 32 13.61 -12.59 19.10
N GLY A 33 12.89 -11.56 19.53
CA GLY A 33 13.50 -10.35 20.04
C GLY A 33 13.38 -9.20 19.06
N PHE A 34 13.46 -7.99 19.60
CA PHE A 34 13.30 -6.80 18.78
C PHE A 34 13.97 -5.60 19.45
N VAL A 35 14.34 -4.63 18.60
CA VAL A 35 14.82 -3.33 19.05
C VAL A 35 13.67 -2.34 18.93
N ILE A 36 13.52 -1.49 19.93
CA ILE A 36 12.42 -0.52 19.98
C ILE A 36 13.01 0.86 20.21
N THR A 37 12.53 1.84 19.44
CA THR A 37 13.03 3.21 19.50
C THR A 37 11.85 4.16 19.62
N LEU A 38 11.97 5.13 20.53
CA LEU A 38 10.94 6.13 20.78
C LEU A 38 11.51 7.51 20.53
N THR A 39 10.72 8.39 19.91
CA THR A 39 11.19 9.73 19.61
C THR A 39 10.02 10.70 19.64
N ASP A 40 10.33 11.96 19.97
CA ASP A 40 9.35 13.04 19.97
C ASP A 40 9.68 14.11 18.93
N GLY A 41 10.52 13.78 17.95
CA GLY A 41 10.97 14.73 16.96
C GLY A 41 12.17 15.57 17.36
N HIS A 42 12.69 15.38 18.58
CA HIS A 42 13.85 16.11 19.04
C HIS A 42 14.85 15.16 19.70
N SER A 43 14.38 14.39 20.67
CA SER A 43 15.17 13.38 21.35
C SER A 43 14.75 11.99 20.89
N ALA A 44 15.58 11.00 21.21
CA ALA A 44 15.28 9.62 20.88
C ALA A 44 15.76 8.71 22.01
N TRP A 45 15.02 7.61 22.20
CA TRP A 45 15.33 6.62 23.21
C TRP A 45 15.26 5.24 22.57
N THR A 46 16.24 4.40 22.88
CA THR A 46 16.38 3.09 22.24
C THR A 46 16.53 2.01 23.30
N GLY A 47 15.90 0.85 23.04
CA GLY A 47 16.02 -0.29 23.92
C GLY A 47 15.97 -1.58 23.14
N THR A 48 16.33 -2.68 23.82
CA THR A 48 16.36 -4.00 23.22
C THR A 48 15.62 -4.98 24.12
N VAL A 49 14.77 -5.80 23.53
CA VAL A 49 14.04 -6.85 24.24
C VAL A 49 14.46 -8.18 23.65
N SER A 50 15.00 -9.06 24.50
CA SER A 50 15.51 -10.35 24.04
C SER A 50 14.39 -11.38 23.99
N GLU A 51 14.68 -12.50 23.32
CA GLU A 51 13.72 -13.60 23.26
C GLU A 51 13.44 -14.18 24.65
N SER A 52 14.46 -14.20 25.51
CA SER A 52 14.28 -14.70 26.86
C SER A 52 13.34 -13.82 27.67
N GLU A 53 13.45 -12.49 27.50
CA GLU A 53 12.56 -11.58 28.22
C GLU A 53 11.12 -11.72 27.72
N ILE A 54 10.94 -11.96 26.42
CA ILE A 54 9.60 -12.14 25.88
C ILE A 54 8.97 -13.41 26.42
N SER A 55 9.74 -14.50 26.48
CA SER A 55 9.22 -15.76 26.99
C SER A 55 8.96 -15.69 28.50
N GLN A 56 9.74 -14.87 29.22
CA GLN A 56 9.55 -14.76 30.66
C GLN A 56 8.34 -13.90 31.00
N GLU A 57 8.18 -12.76 30.32
CA GLU A 57 7.02 -11.91 30.57
C GLU A 57 5.73 -12.61 30.17
N ALA A 58 5.77 -13.39 29.08
CA ALA A 58 4.62 -14.20 28.71
C ALA A 58 4.32 -15.30 29.72
N ASP A 59 5.28 -15.63 30.58
CA ASP A 59 5.09 -16.66 31.59
C ASP A 59 4.75 -16.10 32.96
N ASP A 60 5.11 -14.85 33.24
CA ASP A 60 4.70 -14.23 34.51
C ASP A 60 3.18 -14.15 34.61
N MET A 61 2.51 -13.88 33.50
CA MET A 61 1.07 -14.01 33.39
C MET A 61 0.73 -15.37 32.80
N ALA A 62 -0.39 -15.94 33.26
CA ALA A 62 -0.86 -17.22 32.73
C ALA A 62 -1.35 -16.99 31.31
N MET A 63 -0.49 -17.26 30.33
CA MET A 63 -0.78 -16.86 28.96
C MET A 63 0.06 -17.69 28.00
N GLU A 64 -0.59 -18.26 26.99
CA GLU A 64 0.13 -18.99 25.95
C GLU A 64 1.08 -18.05 25.22
N LYS A 65 2.32 -18.50 25.04
CA LYS A 65 3.37 -17.62 24.52
C LYS A 65 3.03 -17.10 23.13
N GLY A 66 2.45 -17.95 22.27
CA GLY A 66 2.03 -17.49 20.96
C GLY A 66 0.95 -16.42 21.04
N LYS A 67 0.03 -16.56 21.99
CA LYS A 67 -0.99 -15.53 22.17
C LYS A 67 -0.40 -14.24 22.71
N TYR A 68 0.63 -14.33 23.55
CA TYR A 68 1.24 -13.12 24.09
C TYR A 68 1.93 -12.31 23.01
N VAL A 69 2.56 -13.00 22.04
CA VAL A 69 3.19 -12.28 20.93
C VAL A 69 2.14 -11.57 20.09
N GLY A 70 0.95 -12.16 19.96
CA GLY A 70 -0.13 -11.49 19.25
C GLY A 70 -0.57 -10.20 19.92
N GLU A 71 -0.45 -10.13 21.25
CA GLU A 71 -0.75 -8.89 21.96
C GLU A 71 0.35 -7.87 21.81
N LEU A 72 1.61 -8.30 21.69
CA LEU A 72 2.69 -7.36 21.39
C LEU A 72 2.52 -6.76 20.00
N ARG A 73 2.08 -7.56 19.04
CA ARG A 73 1.86 -7.04 17.69
C ARG A 73 0.73 -6.02 17.67
N LYS A 74 -0.34 -6.29 18.42
CA LYS A 74 -1.44 -5.33 18.46
C LYS A 74 -1.08 -4.06 19.22
N ALA A 75 -0.24 -4.19 20.26
CA ALA A 75 0.11 -3.04 21.08
C ALA A 75 1.25 -2.24 20.46
N LEU A 76 2.31 -2.91 20.01
CA LEU A 76 3.52 -2.23 19.59
C LEU A 76 3.66 -2.08 18.08
N LEU A 77 2.95 -2.88 17.29
CA LEU A 77 3.01 -2.78 15.84
C LEU A 77 1.76 -2.17 15.24
N SER A 78 0.90 -1.57 16.07
CA SER A 78 -0.27 -0.81 15.62
C SER A 78 -1.20 -1.68 14.78
N GLY A 79 -1.71 -2.73 15.41
CA GLY A 79 -2.67 -3.61 14.76
C GLY A 79 -3.82 -3.97 15.68
N ALA A 80 -4.41 -2.97 16.32
CA ALA A 80 -5.44 -3.16 17.34
C ALA A 80 -6.68 -2.32 17.03
N GLY A 81 -7.03 -2.24 15.74
CA GLY A 81 -8.16 -1.46 15.29
C GLY A 81 -9.51 -1.78 15.91
N PRO A 82 -9.91 -3.07 16.01
CA PRO A 82 -11.26 -3.37 16.48
C PRO A 82 -11.54 -2.99 17.93
N ALA A 83 -11.73 -1.69 18.18
CA ALA A 83 -12.26 -1.18 19.45
C ALA A 83 -11.40 -1.61 20.64
N ASP A 84 -10.09 -1.65 20.45
CA ASP A 84 -9.15 -1.95 21.53
C ASP A 84 -8.50 -0.66 22.00
N VAL A 85 -8.28 -0.57 23.32
CA VAL A 85 -7.69 0.59 23.95
C VAL A 85 -6.38 0.17 24.59
N TYR A 86 -5.28 0.78 24.15
CA TYR A 86 -3.96 0.55 24.71
C TYR A 86 -3.37 1.86 25.21
N THR A 87 -2.65 1.80 26.31
CA THR A 87 -2.00 2.97 26.89
C THR A 87 -0.49 2.75 26.93
N PHE A 88 0.26 3.83 26.79
CA PHE A 88 1.71 3.79 26.79
C PHE A 88 2.23 4.80 27.81
N ASN A 89 3.17 4.36 28.65
CA ASN A 89 3.73 5.18 29.70
C ASN A 89 5.24 5.21 29.57
N PHE A 90 5.81 6.40 29.69
CA PHE A 90 7.25 6.57 29.60
C PHE A 90 7.67 7.75 30.46
N SER A 91 8.60 7.50 31.39
CA SER A 91 9.20 8.55 32.20
C SER A 91 10.54 8.93 31.58
N LYS A 92 10.68 10.18 31.18
CA LYS A 92 11.94 10.65 30.62
C LYS A 92 13.00 10.90 31.68
N GLU A 93 12.65 10.75 32.96
CA GLU A 93 13.62 10.84 34.05
C GLU A 93 14.20 9.49 34.43
N SER A 94 13.40 8.43 34.34
CA SER A 94 13.85 7.08 34.66
C SER A 94 13.99 6.18 33.44
N CYS A 95 13.46 6.60 32.28
CA CYS A 95 13.54 5.83 31.03
C CYS A 95 12.89 4.46 31.17
N TYR A 96 11.83 4.37 31.97
CA TYR A 96 11.07 3.14 32.12
C TYR A 96 9.80 3.23 31.27
N PHE A 97 9.68 2.36 30.28
CA PHE A 97 8.55 2.33 29.36
C PHE A 97 7.71 1.09 29.68
N PHE A 98 6.43 1.30 29.94
CA PHE A 98 5.50 0.19 30.10
C PHE A 98 4.18 0.53 29.44
N PHE A 99 3.51 -0.51 28.94
CA PHE A 99 2.26 -0.37 28.22
C PHE A 99 1.23 -1.35 28.76
N GLU A 100 -0.04 -0.95 28.70
CA GLU A 100 -1.13 -1.71 29.30
C GLU A 100 -2.28 -1.84 28.30
N LYS A 101 -3.21 -2.74 28.62
CA LYS A 101 -4.37 -3.01 27.80
C LYS A 101 -5.63 -2.75 28.62
N ASN A 102 -6.48 -1.85 28.12
CA ASN A 102 -7.69 -1.46 28.83
C ASN A 102 -8.87 -2.29 28.34
N LEU A 103 -9.66 -2.80 29.28
CA LEU A 103 -10.84 -3.60 28.96
C LEU A 103 -12.08 -2.99 29.58
N LYS A 104 -12.28 -3.25 30.88
CA LYS A 104 -13.35 -2.64 31.66
C LYS A 104 -12.74 -2.07 32.94
N ASP A 105 -12.03 -0.94 32.79
CA ASP A 105 -11.28 -0.30 33.87
C ASP A 105 -10.26 -1.25 34.48
N VAL A 106 -9.69 -2.13 33.66
CA VAL A 106 -8.70 -3.10 34.13
C VAL A 106 -7.30 -2.52 34.00
N SER A 107 -6.91 -2.18 32.77
CA SER A 107 -5.60 -1.58 32.48
C SER A 107 -4.47 -2.47 33.00
N PHE A 108 -4.53 -3.75 32.64
CA PHE A 108 -3.52 -4.69 33.12
C PHE A 108 -2.25 -4.58 32.29
N ARG A 109 -1.12 -4.78 32.97
CA ARG A 109 0.18 -4.59 32.34
C ARG A 109 0.45 -5.67 31.29
N LEU A 110 0.91 -5.26 30.12
CA LEU A 110 1.30 -6.17 29.06
C LEU A 110 2.79 -6.45 29.04
N GLY A 111 3.60 -5.40 29.04
CA GLY A 111 5.04 -5.56 29.03
C GLY A 111 5.72 -4.27 29.42
N SER A 112 7.04 -4.33 29.53
CA SER A 112 7.83 -3.16 29.89
C SER A 112 9.27 -3.39 29.47
N PHE A 113 10.00 -2.28 29.34
CA PHE A 113 11.41 -2.32 29.00
C PHE A 113 12.02 -0.96 29.33
N ASN A 114 13.33 -0.96 29.53
CA ASN A 114 14.07 0.26 29.86
C ASN A 114 14.76 0.77 28.60
N LEU A 115 14.49 2.02 28.26
CA LEU A 115 15.15 2.68 27.14
C LEU A 115 16.35 3.48 27.63
N GLU A 116 17.13 3.97 26.68
CA GLU A 116 18.30 4.80 26.98
C GLU A 116 18.33 5.97 26.02
N LYS A 117 18.64 7.16 26.53
CA LYS A 117 18.64 8.34 25.69
C LYS A 117 19.79 8.28 24.69
N VAL A 118 19.44 8.46 23.42
CA VAL A 118 20.39 8.34 22.33
C VAL A 118 21.18 9.64 22.18
N GLU A 119 22.49 9.52 21.95
CA GLU A 119 23.33 10.70 21.81
C GLU A 119 23.25 11.32 20.42
N ASN A 120 22.76 10.58 19.42
CA ASN A 120 22.59 11.10 18.06
C ASN A 120 21.12 11.01 17.66
N PRO A 121 20.27 11.87 18.24
CA PRO A 121 18.83 11.80 17.89
C PRO A 121 18.55 12.25 16.46
N ALA A 122 19.29 13.23 15.95
CA ALA A 122 19.05 13.69 14.58
C ALA A 122 19.28 12.58 13.57
N GLU A 123 20.36 11.81 13.75
CA GLU A 123 20.63 10.71 12.83
C GLU A 123 19.56 9.62 12.93
N VAL A 124 19.04 9.38 14.13
CA VAL A 124 17.98 8.39 14.29
C VAL A 124 16.69 8.89 13.63
N ILE A 125 16.39 10.18 13.78
CA ILE A 125 15.18 10.73 13.18
C ILE A 125 15.28 10.72 11.66
N ARG A 126 16.46 11.11 11.12
CA ARG A 126 16.65 11.08 9.68
C ARG A 126 16.50 9.66 9.14
N GLU A 127 17.03 8.68 9.87
CA GLU A 127 16.88 7.28 9.45
C GLU A 127 15.42 6.86 9.47
N LEU A 128 14.64 7.37 10.41
CA LEU A 128 13.22 7.04 10.49
C LEU A 128 12.44 7.65 9.33
N ILE A 129 12.78 8.90 8.97
CA ILE A 129 12.09 9.55 7.85
C ILE A 129 12.44 8.88 6.54
N CYS A 130 13.69 8.41 6.40
CA CYS A 130 14.10 7.74 5.16
C CYS A 130 13.35 6.43 4.98
N TYR A 131 13.07 5.71 6.06
CA TYR A 131 12.33 4.46 5.93
C TYR A 131 10.87 4.74 5.56
N CYS A 132 10.28 5.80 6.12
CA CYS A 132 8.93 6.17 5.74
C CYS A 132 8.84 6.52 4.26
N LEU A 133 9.84 7.25 3.75
CA LEU A 133 9.85 7.58 2.33
C LEU A 133 10.06 6.34 1.47
N ASP A 134 10.94 5.43 1.90
CA ASP A 134 11.12 4.18 1.18
C ASP A 134 9.86 3.32 1.25
N ASP A 135 9.18 3.32 2.40
CA ASP A 135 7.94 2.56 2.53
C ASP A 135 6.83 3.15 1.67
N LEU A 136 6.86 4.47 1.46
CA LEU A 136 5.86 5.09 0.58
C LEU A 136 6.06 4.67 -0.87
N SER A 137 7.31 4.63 -1.33
CA SER A 137 7.58 4.18 -2.70
C SER A 137 7.27 2.70 -2.85
N GLN A 138 7.59 1.89 -1.84
CA GLN A 138 7.26 0.47 -1.87
C GLN A 138 5.76 0.26 -1.94
N LEU A 139 5.00 1.00 -1.12
CA LEU A 139 3.56 0.82 -1.07
C LEU A 139 2.85 1.39 -2.29
N GLN A 140 3.48 2.35 -3.00
CA GLN A 140 2.87 2.86 -4.22
C GLN A 140 2.93 1.82 -5.34
N THR A 141 4.05 1.11 -5.46
CA THR A 141 4.14 0.06 -6.46
C THR A 141 3.21 -1.10 -6.13
N GLU A 142 3.00 -1.39 -4.85
CA GLU A 142 2.07 -2.44 -4.47
C GLU A 142 0.62 -2.04 -4.78
N VAL A 143 0.32 -0.74 -4.78
CA VAL A 143 -0.99 -0.28 -5.22
C VAL A 143 -1.19 -0.57 -6.70
N GLU A 144 -0.19 -0.22 -7.51
CA GLU A 144 -0.30 -0.45 -8.96
C GLU A 144 -0.35 -1.94 -9.28
N GLU A 145 0.40 -2.75 -8.54
CA GLU A 145 0.37 -4.20 -8.77
C GLU A 145 -0.96 -4.80 -8.32
N ALA A 146 -1.53 -4.29 -7.22
CA ALA A 146 -2.83 -4.77 -6.78
C ALA A 146 -3.94 -4.34 -7.72
N VAL A 147 -3.83 -3.15 -8.30
CA VAL A 147 -4.82 -2.71 -9.29
C VAL A 147 -4.68 -3.51 -10.57
N GLN A 148 -3.46 -3.90 -10.93
CA GLN A 148 -3.27 -4.71 -12.13
C GLN A 148 -3.81 -6.12 -11.94
N GLU A 149 -3.63 -6.70 -10.75
CA GLU A 149 -4.20 -8.01 -10.46
C GLU A 149 -5.73 -7.95 -10.51
N CYS A 150 -6.31 -6.84 -10.08
CA CYS A 150 -7.76 -6.70 -10.12
C CYS A 150 -8.27 -6.69 -11.56
N ARG A 151 -7.57 -5.99 -12.45
CA ARG A 151 -7.99 -5.94 -13.84
C ARG A 151 -7.73 -7.27 -14.55
N ASN A 152 -6.70 -8.00 -14.14
CA ASN A 152 -6.47 -9.33 -14.70
C ASN A 152 -7.56 -10.30 -14.28
N ALA A 153 -8.03 -10.19 -13.03
CA ALA A 153 -9.10 -11.06 -12.57
C ALA A 153 -10.42 -10.72 -13.23
N GLU A 154 -10.69 -9.43 -13.44
CA GLU A 154 -11.92 -9.02 -14.09
C GLU A 154 -11.98 -9.51 -15.53
N GLU A 155 -10.84 -9.58 -16.22
CA GLU A 155 -10.82 -10.14 -17.57
C GLU A 155 -10.98 -11.65 -17.54
N LYS A 156 -10.44 -12.31 -16.51
CA LYS A 156 -10.66 -13.75 -16.36
C LYS A 156 -12.12 -14.05 -16.03
N ALA A 157 -12.76 -13.19 -15.24
CA ALA A 157 -14.18 -13.35 -14.98
C ALA A 157 -15.00 -13.09 -16.22
N LYS A 158 -14.61 -12.09 -17.01
CA LYS A 158 -15.32 -11.80 -18.26
C LYS A 158 -15.23 -12.98 -19.23
N LYS A 159 -14.07 -13.62 -19.30
CA LYS A 159 -13.92 -14.78 -20.17
C LYS A 159 -14.72 -15.97 -19.65
N ALA A 160 -14.75 -16.17 -18.33
CA ALA A 160 -15.50 -17.28 -17.76
C ALA A 160 -16.99 -17.12 -18.02
N ILE A 161 -17.50 -15.89 -17.97
CA ILE A 161 -18.91 -15.65 -18.24
C ILE A 161 -19.23 -15.92 -19.70
N THR A 162 -18.34 -15.50 -20.61
CA THR A 162 -18.54 -15.76 -22.02
C THR A 162 -18.54 -17.25 -22.31
N ASP A 163 -17.66 -18.00 -21.66
CA ASP A 163 -17.58 -19.44 -21.90
C ASP A 163 -18.81 -20.16 -21.34
N ALA A 164 -19.33 -19.69 -20.20
CA ALA A 164 -20.54 -20.28 -19.65
C ALA A 164 -21.75 -20.02 -20.54
N ALA A 165 -21.81 -18.82 -21.13
CA ALA A 165 -22.92 -18.50 -22.03
C ALA A 165 -22.88 -19.36 -23.29
N MET A 166 -21.69 -19.56 -23.86
CA MET A 166 -21.58 -20.44 -25.02
C MET A 166 -21.83 -21.90 -24.63
N MET A 167 -21.51 -22.27 -23.39
CA MET A 167 -21.81 -23.61 -22.91
C MET A 167 -23.32 -23.84 -22.86
N ALA A 168 -24.07 -22.85 -22.35
CA ALA A 168 -25.53 -22.95 -22.34
C ALA A 168 -26.07 -23.06 -23.76
N GLU A 169 -25.51 -22.29 -24.70
CA GLU A 169 -25.99 -22.34 -26.08
C GLU A 169 -25.81 -23.74 -26.67
N GLU A 170 -24.69 -24.39 -26.38
CA GLU A 170 -24.46 -25.73 -26.92
C GLU A 170 -25.38 -26.75 -26.26
N LEU A 171 -25.65 -26.58 -24.96
CA LEU A 171 -26.59 -27.49 -24.29
C LEU A 171 -27.99 -27.35 -24.88
N LYS A 172 -28.41 -26.12 -25.17
CA LYS A 172 -29.73 -25.91 -25.76
C LYS A 172 -29.83 -26.57 -27.12
N LYS A 173 -28.80 -26.40 -27.96
CA LYS A 173 -28.81 -27.03 -29.29
C LYS A 173 -28.90 -28.54 -29.19
N GLU A 174 -28.22 -29.13 -28.21
CA GLU A 174 -28.15 -30.58 -28.14
C GLU A 174 -29.46 -31.18 -27.64
N GLN A 175 -30.07 -30.57 -26.63
CA GLN A 175 -31.37 -31.07 -26.17
C GLN A 175 -32.47 -30.80 -27.19
N ASP A 176 -32.28 -29.82 -28.08
CA ASP A 176 -33.17 -29.68 -29.22
C ASP A 176 -32.93 -30.78 -30.24
N THR A 177 -31.66 -31.12 -30.49
CA THR A 177 -31.35 -32.24 -31.37
C THR A 177 -31.91 -33.54 -30.83
N SER A 178 -31.75 -33.77 -29.52
CA SER A 178 -32.25 -35.00 -28.91
C SER A 178 -33.77 -35.10 -29.01
N ALA A 179 -34.47 -34.01 -28.69
CA ALA A 179 -35.92 -34.03 -28.75
C ALA A 179 -36.42 -34.23 -30.19
N HIS A 180 -35.70 -33.68 -31.18
CA HIS A 180 -36.08 -33.88 -32.56
C HIS A 180 -35.83 -35.31 -33.00
N LEU A 181 -34.73 -35.91 -32.55
CA LEU A 181 -34.44 -37.30 -32.86
C LEU A 181 -35.50 -38.23 -32.28
N GLU A 182 -36.04 -37.89 -31.10
CA GLU A 182 -37.11 -38.70 -30.52
C GLU A 182 -38.38 -38.63 -31.37
N ARG A 183 -38.64 -37.49 -32.00
CA ARG A 183 -39.79 -37.39 -32.90
C ARG A 183 -39.55 -38.19 -34.17
N MET A 184 -38.32 -38.21 -34.67
CA MET A 184 -38.00 -39.05 -35.83
C MET A 184 -38.13 -40.52 -35.48
N LYS A 185 -37.73 -40.90 -34.26
CA LYS A 185 -37.90 -42.28 -33.81
C LYS A 185 -39.38 -42.65 -33.73
N LYS A 186 -40.20 -41.75 -33.18
CA LYS A 186 -41.64 -41.99 -33.14
C LYS A 186 -42.22 -42.13 -34.54
N ASN A 187 -41.68 -41.39 -35.51
CA ASN A 187 -42.17 -41.48 -36.88
C ASN A 187 -41.78 -42.81 -37.52
N MET A 188 -40.52 -43.22 -37.34
CA MET A 188 -40.08 -44.50 -37.91
C MET A 188 -40.77 -45.68 -37.25
N GLU A 189 -41.07 -45.59 -35.95
CA GLU A 189 -41.84 -46.64 -35.29
C GLU A 189 -43.24 -46.74 -35.89
N GLN A 190 -43.80 -45.62 -36.36
CA GLN A 190 -45.10 -45.66 -37.02
C GLN A 190 -44.97 -46.27 -38.41
N THR A 191 -43.87 -45.97 -39.12
CA THR A 191 -43.67 -46.54 -40.43
C THR A 191 -43.47 -48.06 -40.35
N ILE A 192 -42.76 -48.52 -39.32
CA ILE A 192 -42.59 -49.96 -39.12
C ILE A 192 -43.92 -50.59 -38.72
N LYS A 193 -44.70 -49.89 -37.89
CA LYS A 193 -45.94 -50.47 -37.38
C LYS A 193 -46.96 -50.68 -38.50
N ASP A 194 -47.03 -49.76 -39.46
CA ASP A 194 -48.00 -49.84 -40.54
C ASP A 194 -47.52 -50.68 -41.71
N LEU A 195 -46.24 -51.06 -41.75
CA LEU A 195 -45.72 -51.95 -42.77
C LEU A 195 -45.87 -53.42 -42.39
N GLN A 196 -46.85 -53.75 -41.54
CA GLN A 196 -47.05 -55.11 -41.08
C GLN A 196 -48.49 -55.54 -41.25
N SER B 2 -7.68 20.82 0.20
CA SER B 2 -7.28 20.69 -1.20
C SER B 2 -5.78 20.89 -1.37
N GLY B 3 -5.03 20.70 -0.28
CA GLY B 3 -3.59 20.91 -0.31
C GLY B 3 -2.83 19.63 -0.62
N GLU B 4 -1.80 19.76 -1.45
CA GLU B 4 -0.92 18.66 -1.80
C GLU B 4 0.47 18.90 -1.20
N ARG B 5 1.23 17.82 -1.08
CA ARG B 5 2.51 17.86 -0.40
C ARG B 5 3.44 16.82 -1.01
N LYS B 6 4.73 17.16 -1.06
CA LYS B 6 5.76 16.24 -1.53
C LYS B 6 6.98 16.39 -0.63
N ILE B 7 7.48 15.25 -0.13
CA ILE B 7 8.65 15.21 0.74
C ILE B 7 9.74 14.42 0.03
N SER B 8 10.93 15.02 -0.07
CA SER B 8 12.02 14.44 -0.87
C SER B 8 13.32 14.46 -0.08
N ARG B 9 14.15 13.46 -0.35
CA ARG B 9 15.51 13.42 0.18
C ARG B 9 16.43 14.22 -0.73
N ILE B 10 17.21 15.13 -0.14
CA ILE B 10 18.21 15.89 -0.88
C ILE B 10 19.51 15.88 -0.11
N HIS B 11 20.59 16.22 -0.81
CA HIS B 11 21.90 16.39 -0.21
C HIS B 11 22.41 17.79 -0.54
N LEU B 12 22.76 18.55 0.49
CA LEU B 12 23.32 19.87 0.29
C LEU B 12 24.76 19.77 -0.19
N VAL B 13 25.16 20.73 -1.02
CA VAL B 13 26.52 20.75 -1.55
C VAL B 13 27.54 20.82 -0.43
N SER B 14 27.24 21.58 0.62
CA SER B 14 28.17 21.80 1.72
C SER B 14 28.14 20.69 2.77
N GLU B 15 27.15 19.80 2.74
CA GLU B 15 27.05 18.71 3.71
C GLU B 15 26.65 17.42 2.98
N PRO B 16 27.61 16.79 2.30
CA PRO B 16 27.26 15.57 1.53
C PRO B 16 26.98 14.36 2.40
N SER B 17 27.49 14.30 3.63
CA SER B 17 27.35 13.13 4.47
C SER B 17 26.02 13.08 5.20
N ILE B 18 25.27 14.18 5.25
CA ILE B 18 24.02 14.25 5.98
C ILE B 18 22.88 14.40 4.98
N THR B 19 21.83 13.61 5.17
CA THR B 19 20.65 13.68 4.32
C THR B 19 19.68 14.73 4.86
N HIS B 20 19.27 15.65 4.00
CA HIS B 20 18.27 16.64 4.34
C HIS B 20 16.94 16.30 3.66
N PHE B 21 15.87 16.88 4.17
CA PHE B 21 14.53 16.62 3.67
C PHE B 21 13.89 17.92 3.22
N LEU B 22 13.30 17.89 2.03
CA LEU B 22 12.65 19.05 1.43
C LEU B 22 11.16 18.76 1.34
N GLN B 23 10.37 19.54 2.08
CA GLN B 23 8.92 19.41 2.08
C GLN B 23 8.32 20.56 1.28
N VAL B 24 7.62 20.22 0.20
CA VAL B 24 6.98 21.20 -0.67
C VAL B 24 5.47 20.99 -0.60
N SER B 25 4.74 22.02 -0.21
CA SER B 25 3.29 21.96 -0.12
C SER B 25 2.68 23.11 -0.90
N TRP B 26 1.56 22.84 -1.56
CA TRP B 26 0.87 23.84 -2.37
C TRP B 26 -0.62 23.57 -2.31
N GLU B 27 -1.41 24.53 -2.81
CA GLU B 27 -2.86 24.44 -2.74
C GLU B 27 -3.46 23.96 -4.05
N LYS B 28 -3.66 24.88 -5.00
CA LYS B 28 -4.28 24.52 -6.28
C LYS B 28 -3.28 23.84 -7.20
N THR B 29 -2.22 24.55 -7.57
CA THR B 29 -1.14 24.00 -8.37
C THR B 29 0.19 24.50 -7.82
N LEU B 30 1.26 23.84 -8.22
CA LEU B 30 2.59 24.34 -7.85
C LEU B 30 2.84 25.73 -8.46
N GLU B 31 2.22 26.00 -9.61
CA GLU B 31 2.41 27.27 -10.29
C GLU B 31 1.86 28.44 -9.49
N SER B 32 0.88 28.19 -8.63
CA SER B 32 0.18 29.24 -7.89
C SER B 32 0.85 29.58 -6.56
N GLY B 33 2.02 29.03 -6.29
CA GLY B 33 2.70 29.30 -5.03
C GLY B 33 2.79 28.05 -4.18
N PHE B 34 3.87 27.96 -3.40
CA PHE B 34 4.10 26.81 -2.56
C PHE B 34 4.88 27.23 -1.31
N VAL B 35 5.02 26.29 -0.39
CA VAL B 35 5.70 26.49 0.89
C VAL B 35 6.83 25.48 1.00
N ILE B 36 8.02 25.95 1.35
CA ILE B 36 9.20 25.11 1.47
C ILE B 36 9.52 24.90 2.94
N THR B 37 9.84 23.65 3.30
CA THR B 37 10.35 23.32 4.62
C THR B 37 11.57 22.43 4.46
N LEU B 38 12.66 22.81 5.13
CA LEU B 38 13.92 22.07 5.09
C LEU B 38 14.27 21.65 6.51
N THR B 39 14.64 20.38 6.68
CA THR B 39 14.99 19.87 8.00
C THR B 39 16.13 18.87 7.88
N ASP B 40 16.89 18.74 8.98
CA ASP B 40 17.96 17.77 9.09
C ASP B 40 17.74 16.82 10.25
N GLY B 41 16.49 16.68 10.71
CA GLY B 41 16.18 15.88 11.87
C GLY B 41 16.36 16.58 13.19
N HIS B 42 16.90 17.80 13.20
CA HIS B 42 17.11 18.54 14.44
C HIS B 42 16.53 19.94 14.31
N SER B 43 17.00 20.69 13.30
CA SER B 43 16.52 22.03 13.03
C SER B 43 15.59 22.02 11.81
N ALA B 44 14.94 23.15 11.58
CA ALA B 44 14.02 23.27 10.47
C ALA B 44 13.98 24.72 9.99
N TRP B 45 13.95 24.90 8.67
CA TRP B 45 13.85 26.20 8.04
C TRP B 45 12.68 26.20 7.09
N THR B 46 11.91 27.28 7.08
CA THR B 46 10.72 27.38 6.26
C THR B 46 10.72 28.67 5.45
N GLY B 47 9.96 28.67 4.37
CA GLY B 47 9.85 29.82 3.51
C GLY B 47 8.69 29.64 2.56
N THR B 48 8.31 30.75 1.92
CA THR B 48 7.17 30.77 1.01
C THR B 48 7.60 31.37 -0.32
N VAL B 49 7.05 30.81 -1.40
CA VAL B 49 7.27 31.29 -2.76
C VAL B 49 5.92 31.60 -3.37
N SER B 50 5.70 32.85 -3.76
CA SER B 50 4.42 33.28 -4.29
C SER B 50 4.33 33.00 -5.79
N GLU B 51 3.10 33.08 -6.31
CA GLU B 51 2.88 32.91 -7.74
C GLU B 51 3.58 33.98 -8.55
N SER B 52 3.66 35.20 -8.03
CA SER B 52 4.35 36.27 -8.73
C SER B 52 5.85 36.02 -8.81
N GLU B 53 6.44 35.47 -7.75
CA GLU B 53 7.87 35.20 -7.75
C GLU B 53 8.23 34.05 -8.68
N ILE B 54 7.34 33.06 -8.82
CA ILE B 54 7.57 31.99 -9.77
C ILE B 54 7.56 32.52 -11.19
N SER B 55 6.56 33.34 -11.52
CA SER B 55 6.48 33.94 -12.85
C SER B 55 7.66 34.87 -13.10
N GLN B 56 8.13 35.57 -12.07
CA GLN B 56 9.27 36.46 -12.23
C GLN B 56 10.54 35.67 -12.51
N GLU B 57 10.72 34.52 -11.86
CA GLU B 57 11.91 33.73 -12.08
C GLU B 57 11.94 33.15 -13.50
N ALA B 58 10.77 32.77 -14.03
CA ALA B 58 10.71 32.30 -15.41
C ALA B 58 11.05 33.43 -16.39
N ASP B 59 10.60 34.65 -16.09
CA ASP B 59 10.95 35.78 -16.93
C ASP B 59 12.44 36.10 -16.85
N ASP B 60 13.03 35.96 -15.67
CA ASP B 60 14.46 36.22 -15.52
C ASP B 60 15.32 35.26 -16.32
N MET B 61 14.79 34.09 -16.67
CA MET B 61 15.53 33.09 -17.45
C MET B 61 15.09 33.05 -18.91
N ALA B 62 14.20 33.95 -19.31
CA ALA B 62 13.79 34.10 -20.71
C ALA B 62 13.21 32.80 -21.28
N MET B 63 12.34 32.16 -20.51
CA MET B 63 11.63 30.99 -20.97
C MET B 63 10.18 31.07 -20.48
N GLU B 64 9.29 30.40 -21.20
CA GLU B 64 7.88 30.41 -20.84
C GLU B 64 7.67 29.74 -19.49
N LYS B 65 6.67 30.24 -18.74
CA LYS B 65 6.45 29.77 -17.38
C LYS B 65 6.18 28.27 -17.34
N GLY B 66 5.50 27.73 -18.36
CA GLY B 66 5.19 26.31 -18.37
C GLY B 66 6.44 25.45 -18.36
N LYS B 67 7.44 25.81 -19.16
CA LYS B 67 8.67 25.03 -19.18
C LYS B 67 9.48 25.23 -17.90
N TYR B 68 9.42 26.41 -17.30
CA TYR B 68 10.13 26.63 -16.04
C TYR B 68 9.49 25.85 -14.90
N VAL B 69 8.15 25.87 -14.81
CA VAL B 69 7.47 25.10 -13.78
C VAL B 69 7.78 23.62 -13.92
N GLY B 70 7.93 23.15 -15.17
CA GLY B 70 8.37 21.78 -15.39
C GLY B 70 9.73 21.51 -14.79
N GLU B 71 10.63 22.50 -14.84
CA GLU B 71 11.93 22.35 -14.20
C GLU B 71 11.80 22.38 -12.69
N LEU B 72 10.97 23.28 -12.15
CA LEU B 72 10.69 23.29 -10.71
C LEU B 72 10.18 21.94 -10.24
N ARG B 73 9.29 21.32 -11.01
CA ARG B 73 8.69 20.06 -10.61
C ARG B 73 9.75 18.95 -10.55
N LYS B 74 10.68 18.94 -11.49
CA LYS B 74 11.72 17.92 -11.50
C LYS B 74 12.77 18.15 -10.41
N ALA B 75 13.02 19.41 -10.05
CA ALA B 75 14.07 19.71 -9.08
C ALA B 75 13.57 19.60 -7.65
N LEU B 76 12.33 20.03 -7.40
CA LEU B 76 11.82 20.14 -6.04
C LEU B 76 10.87 19.02 -5.64
N LEU B 77 10.25 18.33 -6.59
CA LEU B 77 9.27 17.29 -6.28
C LEU B 77 9.78 15.89 -6.61
N SER B 78 11.09 15.74 -6.79
CA SER B 78 11.70 14.45 -7.14
C SER B 78 11.07 13.85 -8.40
N GLY B 79 10.81 14.70 -9.38
CA GLY B 79 10.24 14.26 -10.63
C GLY B 79 11.26 14.15 -11.75
N ALA B 80 12.53 13.99 -11.37
CA ALA B 80 13.63 13.92 -12.32
C ALA B 80 14.22 12.51 -12.35
N GLY B 81 14.66 12.11 -13.54
CA GLY B 81 15.33 10.85 -13.71
C GLY B 81 16.83 11.02 -13.86
N PRO B 82 17.50 10.03 -14.44
CA PRO B 82 18.96 10.16 -14.65
C PRO B 82 19.32 11.22 -15.67
N ALA B 83 18.38 11.65 -16.52
CA ALA B 83 18.65 12.67 -17.52
C ALA B 83 18.65 14.08 -16.96
N ASP B 84 18.32 14.26 -15.69
CA ASP B 84 18.22 15.58 -15.06
C ASP B 84 18.87 15.52 -13.69
N VAL B 85 19.90 16.34 -13.49
CA VAL B 85 20.64 16.40 -12.23
C VAL B 85 20.50 17.80 -11.65
N TYR B 86 20.13 17.86 -10.37
CA TYR B 86 19.94 19.12 -9.68
C TYR B 86 20.70 19.11 -8.36
N THR B 87 21.38 20.20 -8.06
CA THR B 87 22.09 20.38 -6.81
C THR B 87 21.40 21.42 -5.94
N PHE B 88 21.67 21.35 -4.64
CA PHE B 88 20.98 22.17 -3.66
C PHE B 88 22.01 22.79 -2.71
N ASN B 89 21.85 24.08 -2.44
CA ASN B 89 22.79 24.84 -1.62
C ASN B 89 22.04 25.55 -0.50
N PHE B 90 22.55 25.44 0.71
CA PHE B 90 21.92 26.10 1.85
C PHE B 90 23.01 26.53 2.83
N SER B 91 22.97 27.80 3.23
CA SER B 91 23.88 28.36 4.21
C SER B 91 23.11 28.59 5.51
N LYS B 92 23.52 27.91 6.57
CA LYS B 92 22.84 28.07 7.86
C LYS B 92 23.03 29.45 8.44
N GLU B 93 24.01 30.23 7.95
CA GLU B 93 24.25 31.56 8.48
C GLU B 93 23.33 32.60 7.85
N SER B 94 23.07 32.47 6.54
CA SER B 94 22.17 33.38 5.85
C SER B 94 20.77 32.81 5.63
N CYS B 95 20.60 31.49 5.81
CA CYS B 95 19.35 30.79 5.55
C CYS B 95 18.91 30.95 4.09
N TYR B 96 19.85 31.26 3.21
CA TYR B 96 19.56 31.40 1.78
C TYR B 96 19.74 30.05 1.10
N PHE B 97 18.70 29.63 0.38
CA PHE B 97 18.66 28.33 -0.29
C PHE B 97 18.52 28.59 -1.78
N PHE B 98 19.44 28.05 -2.57
CA PHE B 98 19.32 28.11 -4.02
C PHE B 98 19.69 26.76 -4.60
N PHE B 99 19.01 26.39 -5.68
CA PHE B 99 19.22 25.11 -6.35
C PHE B 99 19.57 25.35 -7.81
N GLU B 100 20.35 24.43 -8.37
CA GLU B 100 20.91 24.60 -9.70
C GLU B 100 20.70 23.33 -10.51
N LYS B 101 20.76 23.49 -11.83
CA LYS B 101 20.76 22.36 -12.75
C LYS B 101 22.19 22.16 -13.26
N ASN B 102 22.61 20.90 -13.33
CA ASN B 102 23.97 20.55 -13.71
C ASN B 102 23.96 19.82 -15.04
N LEU B 103 24.70 20.35 -16.00
CA LEU B 103 24.86 19.74 -17.31
C LEU B 103 26.34 19.72 -17.66
N LYS B 104 26.83 18.56 -18.09
CA LYS B 104 28.24 18.36 -18.38
C LYS B 104 29.08 18.74 -17.17
N ASP B 105 29.90 19.79 -17.31
CA ASP B 105 30.75 20.27 -16.23
C ASP B 105 30.33 21.64 -15.71
N VAL B 106 29.08 22.04 -15.96
CA VAL B 106 28.61 23.37 -15.61
C VAL B 106 27.34 23.26 -14.78
N SER B 107 27.06 24.33 -14.03
CA SER B 107 25.83 24.46 -13.27
C SER B 107 25.34 25.89 -13.37
N PHE B 108 24.01 26.06 -13.29
CA PHE B 108 23.39 27.36 -13.39
C PHE B 108 22.14 27.39 -12.52
N ARG B 109 21.83 28.56 -12.00
CA ARG B 109 20.75 28.71 -11.03
C ARG B 109 19.39 28.47 -11.68
N LEU B 110 18.52 27.76 -10.96
CA LEU B 110 17.12 27.60 -11.34
C LEU B 110 16.16 28.37 -10.46
N GLY B 111 16.49 28.53 -9.18
CA GLY B 111 15.62 29.25 -8.27
C GLY B 111 16.26 29.34 -6.90
N SER B 112 15.58 30.05 -6.01
CA SER B 112 16.09 30.24 -4.66
C SER B 112 14.95 30.59 -3.73
N PHE B 113 15.15 30.29 -2.44
CA PHE B 113 14.21 30.68 -1.39
C PHE B 113 14.97 31.39 -0.28
N ASN B 114 14.27 32.32 0.38
CA ASN B 114 14.77 32.95 1.60
C ASN B 114 14.07 32.25 2.76
N LEU B 115 14.81 31.38 3.44
CA LEU B 115 14.25 30.61 4.55
C LEU B 115 14.50 31.32 5.87
N GLU B 116 13.85 30.83 6.92
CA GLU B 116 14.06 31.30 8.27
C GLU B 116 14.00 30.12 9.23
N LYS B 117 14.91 30.12 10.21
CA LYS B 117 14.98 29.00 11.15
C LYS B 117 13.73 28.97 12.03
N VAL B 118 13.10 27.80 12.09
CA VAL B 118 11.90 27.61 12.90
C VAL B 118 12.30 27.48 14.36
N GLU B 119 11.59 28.20 15.24
CA GLU B 119 11.90 28.15 16.66
C GLU B 119 11.34 26.92 17.36
N ASN B 120 10.44 26.19 16.72
CA ASN B 120 9.93 24.92 17.26
C ASN B 120 10.03 23.86 16.17
N PRO B 121 11.23 23.36 15.88
CA PRO B 121 11.38 22.38 14.81
C PRO B 121 10.81 21.02 15.15
N ALA B 122 10.74 20.66 16.43
CA ALA B 122 10.23 19.34 16.80
C ALA B 122 8.78 19.17 16.36
N GLU B 123 7.96 20.21 16.56
CA GLU B 123 6.58 20.15 16.08
C GLU B 123 6.52 20.06 14.57
N VAL B 124 7.44 20.73 13.88
CA VAL B 124 7.50 20.62 12.42
C VAL B 124 7.89 19.22 11.99
N ILE B 125 8.86 18.62 12.69
CA ILE B 125 9.29 17.27 12.34
C ILE B 125 8.20 16.25 12.65
N ARG B 126 7.51 16.42 13.78
CA ARG B 126 6.42 15.51 14.12
C ARG B 126 5.30 15.58 13.10
N GLU B 127 4.97 16.80 12.64
CA GLU B 127 3.92 16.95 11.65
C GLU B 127 4.32 16.31 10.32
N LEU B 128 5.61 16.40 9.96
CA LEU B 128 6.08 15.77 8.73
C LEU B 128 5.97 14.26 8.80
N ILE B 129 6.36 13.67 9.93
CA ILE B 129 6.28 12.22 10.08
C ILE B 129 4.83 11.76 10.10
N CYS B 130 3.95 12.54 10.75
CA CYS B 130 2.54 12.18 10.78
C CYS B 130 1.94 12.16 9.38
N TYR B 131 2.35 13.08 8.52
CA TYR B 131 1.85 13.07 7.15
C TYR B 131 2.27 11.80 6.42
N CYS B 132 3.53 11.39 6.58
CA CYS B 132 4.00 10.16 5.93
C CYS B 132 3.22 8.95 6.43
N LEU B 133 2.88 8.93 7.71
CA LEU B 133 2.09 7.82 8.24
C LEU B 133 0.64 7.89 7.78
N ASP B 134 0.10 9.10 7.58
CA ASP B 134 -1.22 9.22 6.99
C ASP B 134 -1.22 8.73 5.55
N ASP B 135 -0.18 9.08 4.79
CA ASP B 135 -0.10 8.64 3.40
C ASP B 135 0.10 7.13 3.31
N LEU B 136 0.86 6.55 4.24
CA LEU B 136 1.03 5.11 4.26
C LEU B 136 -0.28 4.39 4.54
N SER B 137 -1.09 4.92 5.47
CA SER B 137 -2.35 4.28 5.80
C SER B 137 -3.34 4.37 4.64
N GLN B 138 -3.34 5.50 3.92
CA GLN B 138 -4.23 5.65 2.78
C GLN B 138 -3.86 4.69 1.65
N LEU B 139 -2.56 4.55 1.37
CA LEU B 139 -2.11 3.58 0.37
C LEU B 139 -2.40 2.15 0.81
N GLN B 140 -2.36 1.90 2.13
CA GLN B 140 -2.69 0.57 2.63
C GLN B 140 -4.14 0.21 2.30
N THR B 141 -5.05 1.17 2.46
CA THR B 141 -6.45 0.93 2.15
C THR B 141 -6.68 0.80 0.65
N GLU B 142 -5.90 1.50 -0.16
CA GLU B 142 -6.03 1.38 -1.61
C GLU B 142 -5.63 -0.02 -2.07
N VAL B 143 -4.62 -0.62 -1.43
CA VAL B 143 -4.28 -2.00 -1.72
C VAL B 143 -5.42 -2.94 -1.32
N GLU B 144 -5.96 -2.74 -0.11
CA GLU B 144 -7.03 -3.60 0.38
C GLU B 144 -8.29 -3.45 -0.46
N GLU B 145 -8.54 -2.26 -1.01
CA GLU B 145 -9.70 -2.08 -1.88
C GLU B 145 -9.50 -2.80 -3.21
N ALA B 146 -8.30 -2.74 -3.77
CA ALA B 146 -8.02 -3.44 -5.01
C ALA B 146 -8.01 -4.95 -4.81
N VAL B 147 -7.46 -5.41 -3.68
CA VAL B 147 -7.48 -6.84 -3.37
C VAL B 147 -8.91 -7.33 -3.19
N GLN B 148 -9.76 -6.51 -2.57
CA GLN B 148 -11.16 -6.89 -2.39
C GLN B 148 -11.89 -6.94 -3.72
N GLU B 149 -11.71 -5.93 -4.56
CA GLU B 149 -12.30 -5.96 -5.89
C GLU B 149 -11.74 -7.11 -6.72
N CYS B 150 -10.50 -7.52 -6.43
CA CYS B 150 -9.96 -8.70 -7.09
C CYS B 150 -10.66 -9.98 -6.62
N ARG B 151 -10.97 -10.05 -5.31
CA ARG B 151 -11.69 -11.20 -4.80
C ARG B 151 -13.12 -11.26 -5.32
N ASN B 152 -13.75 -10.09 -5.52
CA ASN B 152 -15.10 -10.08 -6.09
C ASN B 152 -15.12 -10.62 -7.51
N ALA B 153 -14.09 -10.28 -8.29
CA ALA B 153 -14.00 -10.81 -9.65
C ALA B 153 -13.73 -12.31 -9.65
N GLU B 154 -12.97 -12.80 -8.67
CA GLU B 154 -12.70 -14.23 -8.60
C GLU B 154 -13.95 -15.01 -8.21
N GLU B 155 -14.84 -14.41 -7.43
CA GLU B 155 -16.08 -15.09 -7.06
C GLU B 155 -17.03 -15.19 -8.26
N LYS B 156 -17.10 -14.15 -9.08
CA LYS B 156 -17.91 -14.21 -10.29
C LYS B 156 -17.39 -15.27 -11.25
N ALA B 157 -16.06 -15.41 -11.33
CA ALA B 157 -15.48 -16.42 -12.21
C ALA B 157 -15.79 -17.83 -11.72
N LYS B 158 -15.67 -18.07 -10.41
CA LYS B 158 -15.93 -19.40 -9.87
C LYS B 158 -17.37 -19.83 -10.12
N LYS B 159 -18.32 -18.89 -10.00
CA LYS B 159 -19.71 -19.22 -10.25
C LYS B 159 -19.95 -19.57 -11.72
N ALA B 160 -19.31 -18.83 -12.64
CA ALA B 160 -19.47 -19.12 -14.06
C ALA B 160 -18.79 -20.42 -14.43
N ILE B 161 -17.63 -20.70 -13.82
CA ILE B 161 -16.93 -21.96 -14.08
C ILE B 161 -17.73 -23.14 -13.55
N THR B 162 -18.29 -23.00 -12.34
CA THR B 162 -19.13 -24.06 -11.79
C THR B 162 -20.38 -24.27 -12.64
N ASP B 163 -21.01 -23.19 -13.08
CA ASP B 163 -22.18 -23.31 -13.94
C ASP B 163 -21.82 -23.98 -15.27
N ALA B 164 -20.70 -23.58 -15.87
CA ALA B 164 -20.30 -24.16 -17.15
C ALA B 164 -20.00 -25.65 -17.01
N ALA B 165 -19.36 -26.04 -15.90
CA ALA B 165 -19.06 -27.44 -15.68
C ALA B 165 -20.33 -28.27 -15.51
N MET B 166 -21.33 -27.71 -14.82
CA MET B 166 -22.61 -28.41 -14.69
C MET B 166 -23.27 -28.60 -16.05
N MET B 167 -23.27 -27.56 -16.89
CA MET B 167 -23.86 -27.68 -18.22
C MET B 167 -23.01 -28.56 -19.13
N ALA B 168 -21.71 -28.65 -18.87
CA ALA B 168 -20.85 -29.51 -19.67
C ALA B 168 -21.20 -30.98 -19.46
N GLU B 169 -21.50 -31.36 -18.21
CA GLU B 169 -21.91 -32.74 -17.95
C GLU B 169 -23.27 -33.04 -18.54
N GLU B 170 -24.18 -32.06 -18.50
CA GLU B 170 -25.49 -32.24 -19.12
C GLU B 170 -25.38 -32.37 -20.64
N LEU B 171 -24.48 -31.58 -21.24
CA LEU B 171 -24.27 -31.70 -22.69
C LEU B 171 -23.82 -33.09 -23.07
N LYS B 172 -22.89 -33.68 -22.29
CA LYS B 172 -22.42 -35.02 -22.58
C LYS B 172 -23.55 -36.04 -22.44
N LYS B 173 -24.40 -35.87 -21.42
CA LYS B 173 -25.55 -36.76 -21.27
C LYS B 173 -26.51 -36.64 -22.45
N GLU B 174 -26.75 -35.41 -22.92
CA GLU B 174 -27.62 -35.23 -24.07
C GLU B 174 -26.99 -35.76 -25.35
N GLN B 175 -25.67 -35.60 -25.50
CA GLN B 175 -24.99 -36.14 -26.67
C GLN B 175 -25.07 -37.66 -26.70
N ASP B 176 -24.92 -38.31 -25.54
CA ASP B 176 -25.07 -39.76 -25.48
C ASP B 176 -26.50 -40.17 -25.82
N THR B 177 -27.49 -39.38 -25.39
CA THR B 177 -28.87 -39.68 -25.75
C THR B 177 -29.10 -39.55 -27.25
N SER B 178 -28.52 -38.51 -27.86
CA SER B 178 -28.65 -38.34 -29.31
C SER B 178 -27.97 -39.48 -30.06
N ALA B 179 -26.79 -39.90 -29.60
CA ALA B 179 -26.10 -41.01 -30.25
C ALA B 179 -26.89 -42.31 -30.13
N HIS B 180 -27.56 -42.51 -28.99
CA HIS B 180 -28.39 -43.69 -28.83
C HIS B 180 -29.59 -43.65 -29.76
N LEU B 181 -30.18 -42.48 -29.97
CA LEU B 181 -31.34 -42.37 -30.84
C LEU B 181 -30.96 -42.56 -32.31
N GLU B 182 -29.76 -42.11 -32.71
CA GLU B 182 -29.34 -42.31 -34.08
C GLU B 182 -28.94 -43.76 -34.35
N ARG B 183 -28.53 -44.50 -33.32
CA ARG B 183 -28.32 -45.94 -33.48
C ARG B 183 -29.64 -46.66 -33.71
N MET B 184 -30.67 -46.32 -32.92
CA MET B 184 -32.00 -46.85 -33.18
C MET B 184 -32.51 -46.37 -34.53
N LYS B 185 -32.18 -45.12 -34.91
CA LYS B 185 -32.55 -44.62 -36.22
C LYS B 185 -31.88 -45.40 -37.33
N LYS B 186 -30.66 -45.90 -37.09
CA LYS B 186 -29.99 -46.74 -38.08
C LYS B 186 -30.66 -48.10 -38.18
N ASN B 187 -31.02 -48.69 -37.03
CA ASN B 187 -31.67 -50.01 -37.04
C ASN B 187 -33.05 -49.94 -37.68
N MET B 188 -33.83 -48.90 -37.34
CA MET B 188 -35.20 -48.82 -37.86
C MET B 188 -35.20 -48.55 -39.36
N GLU B 189 -34.27 -47.73 -39.85
CA GLU B 189 -34.20 -47.47 -41.28
C GLU B 189 -33.82 -48.73 -42.05
N GLN B 190 -33.02 -49.60 -41.45
CA GLN B 190 -32.68 -50.85 -42.13
C GLN B 190 -33.84 -51.83 -42.12
N THR B 191 -34.55 -51.92 -40.99
CA THR B 191 -35.73 -52.79 -40.93
C THR B 191 -36.85 -52.27 -41.79
N ILE B 192 -36.91 -50.95 -42.00
CA ILE B 192 -37.89 -50.39 -42.92
C ILE B 192 -37.62 -50.83 -44.35
N LYS B 193 -36.34 -50.79 -44.76
CA LYS B 193 -35.99 -51.22 -46.11
C LYS B 193 -36.19 -52.72 -46.29
N ASP B 194 -36.05 -53.49 -45.22
CA ASP B 194 -36.32 -54.93 -45.30
C ASP B 194 -37.81 -55.19 -45.48
N LEU B 195 -38.66 -54.40 -44.82
CA LEU B 195 -40.10 -54.54 -45.01
C LEU B 195 -40.53 -54.06 -46.39
N GLN B 196 -39.82 -53.09 -46.97
CA GLN B 196 -40.10 -52.69 -48.33
C GLN B 196 -39.76 -53.80 -49.31
N HIS B 197 -38.64 -54.47 -49.10
CA HIS B 197 -38.21 -55.58 -49.96
C HIS B 197 -38.94 -56.86 -49.57
#